data_6GX8
#
_entry.id   6GX8
#
_cell.length_a   95.817
_cell.length_b   97.506
_cell.length_c   67.419
_cell.angle_alpha   90.00
_cell.angle_beta   90.00
_cell.angle_gamma   90.00
#
_symmetry.space_group_name_H-M   'P 21 21 21'
#
loop_
_entity.id
_entity.type
_entity.pdbx_description
1 polymer Alpha-galactosidase
2 non-polymer 'SULFATE ION'
3 non-polymer (1~{S},2~{S},3~{S},4~{S})-3-fluoranyl-6-(hydroxymethyl)cyclohex-5-ene-1,2,4-triol
4 non-polymer 'MAGNESIUM ION'
5 non-polymer GLYCEROL
6 water water
#
_entity_poly.entity_id   1
_entity_poly.type   'polypeptide(L)'
_entity_poly.pdbx_seq_one_letter_code
;MGSSHHHHHHSSGLVPRGSHMASMEIFGKTFREGRFVLKEKNFTVEFAVEKIHLGWKISGRVKGSPGRLEVLRTKAPEKV
LVNNWQSWGPCRVVDAFSFKPPEIDPNWRYTASVVPDVLERNLQSDYFVAEEGKVYGFLSSKIAHPFFAVEDGELVAYLE
YFDVEFDDFVPLEPLVVLEDPNTPLLLEKYAELVGMENNARVPKHTPTGWCSWYHYFLDLTWEETLKNLKLAKNFPFEVF
QIDDAYEKDIGDWLVTRGDFPSVEEMAKVIAENGFIPGIWTAPFSVSETSDVFNEHPDWVVKENGEPKMAYRNWNKKIYA
LDLSKDEVLNWLFDLFSSLRKMGYRYFKIDFLFAGAVPGERKKNITPIQAFRKGIETIRKAVGEDSFILGCGSPLLPAVG
CVDGMRIGPDTAPFWGEHIEDNGAPAARWALRNAITRYFMHDRFWLNDPDCLILREEKTDLTQKEKELYSYTCGVLDNMI
IESDDLSLVRDHGKKVLKETLELLGGRPRVQNIMSEDLRYEIVSSGTLSGNVKIVVDLNSREYHLEKEGKSSLKKRVVKR
EDGRNFYFYEEGERE
;
_entity_poly.pdbx_strand_id   A
#
# COMPACT_ATOMS: atom_id res chain seq x y z
N VAL A 15 31.13 0.04 0.73
CA VAL A 15 30.34 0.72 1.81
C VAL A 15 30.65 2.22 1.81
N PRO A 16 29.64 3.10 2.02
CA PRO A 16 29.89 4.54 2.12
C PRO A 16 30.70 4.92 3.36
N ARG A 17 31.77 5.68 3.15
CA ARG A 17 32.61 6.25 4.20
CA ARG A 17 32.55 6.27 4.23
C ARG A 17 32.86 7.71 3.86
N GLY A 18 32.99 8.57 4.88
CA GLY A 18 33.09 9.98 4.60
C GLY A 18 32.66 10.88 5.73
N SER A 19 32.80 12.17 5.46
CA SER A 19 32.52 13.22 6.40
C SER A 19 31.05 13.19 6.84
N HIS A 20 30.17 12.87 5.89
CA HIS A 20 28.71 12.87 6.14
C HIS A 20 28.34 11.66 7.02
N MET A 21 29.10 10.55 6.90
CA MET A 21 28.87 9.35 7.72
C MET A 21 29.35 9.58 9.16
N ALA A 22 30.46 10.30 9.34
CA ALA A 22 31.00 10.61 10.67
C ALA A 22 30.03 11.50 11.44
N SER A 23 29.20 12.26 10.70
CA SER A 23 28.31 13.25 11.24
C SER A 23 27.00 12.60 11.70
N MET A 24 26.80 11.31 11.45
CA MET A 24 25.52 10.70 11.83
CA MET A 24 25.55 10.62 11.81
C MET A 24 25.62 10.19 13.28
N GLU A 25 24.45 9.99 13.90
CA GLU A 25 24.36 9.36 15.20
C GLU A 25 23.39 8.22 15.12
N ILE A 26 23.77 7.09 15.74
CA ILE A 26 22.95 5.89 15.83
C ILE A 26 22.63 5.64 17.31
N PHE A 27 21.34 5.67 17.65
CA PHE A 27 20.87 5.56 19.04
C PHE A 27 21.61 6.57 19.93
N GLY A 28 21.84 7.79 19.41
CA GLY A 28 22.39 8.86 20.22
C GLY A 28 23.92 8.86 20.24
N LYS A 29 24.54 7.88 19.60
CA LYS A 29 26.03 7.72 19.61
C LYS A 29 26.61 8.06 18.23
N THR A 30 27.83 8.58 18.23
CA THR A 30 28.52 8.83 16.99
C THR A 30 28.54 7.56 16.15
N PHE A 31 28.26 7.68 14.86
CA PHE A 31 28.21 6.56 13.96
C PHE A 31 29.61 5.93 13.83
N ARG A 32 29.67 4.61 13.99
CA ARG A 32 30.79 3.79 13.57
C ARG A 32 30.38 2.32 13.64
N GLU A 33 31.09 1.48 12.88
CA GLU A 33 30.91 0.06 12.86
C GLU A 33 31.09 -0.51 14.27
N GLY A 34 30.32 -1.57 14.60
CA GLY A 34 30.52 -2.31 15.84
C GLY A 34 29.24 -2.86 16.43
N ARG A 35 29.37 -3.23 17.71
CA ARG A 35 28.30 -3.86 18.50
C ARG A 35 28.20 -3.08 19.80
N PHE A 36 26.98 -2.72 20.21
CA PHE A 36 26.75 -1.69 21.21
C PHE A 36 25.58 -2.05 22.13
N VAL A 37 25.57 -1.41 23.30
CA VAL A 37 24.48 -1.51 24.24
C VAL A 37 24.18 -0.11 24.77
N LEU A 38 22.90 0.25 24.73
CA LEU A 38 22.39 1.45 25.32
C LEU A 38 21.41 1.05 26.42
N LYS A 39 21.77 1.31 27.67
CA LYS A 39 20.90 1.13 28.81
C LYS A 39 20.42 2.49 29.29
N GLU A 40 19.11 2.75 29.09
CA GLU A 40 18.47 3.96 29.55
C GLU A 40 17.60 3.62 30.75
N LYS A 41 16.96 4.66 31.31
CA LYS A 41 16.09 4.50 32.45
C LYS A 41 15.03 3.42 32.17
N ASN A 42 14.36 3.54 31.01
CA ASN A 42 13.09 2.86 30.77
C ASN A 42 13.23 1.72 29.76
N PHE A 43 14.38 1.64 29.08
CA PHE A 43 14.58 0.60 28.07
C PHE A 43 16.08 0.27 27.92
N THR A 44 16.36 -0.88 27.29
CA THR A 44 17.68 -1.30 26.87
C THR A 44 17.63 -1.68 25.38
N VAL A 45 18.63 -1.21 24.61
CA VAL A 45 18.82 -1.60 23.21
C VAL A 45 20.18 -2.29 23.06
N GLU A 46 20.20 -3.43 22.39
CA GLU A 46 21.43 -4.04 21.94
C GLU A 46 21.42 -4.01 20.42
N PHE A 47 22.49 -3.44 19.82
CA PHE A 47 22.46 -3.24 18.38
C PHE A 47 23.86 -3.32 17.78
N ALA A 48 23.86 -3.72 16.51
CA ALA A 48 25.07 -3.84 15.71
C ALA A 48 24.97 -2.90 14.51
N VAL A 49 26.11 -2.33 14.11
CA VAL A 49 26.23 -1.55 12.94
C VAL A 49 27.23 -2.27 12.04
N GLU A 50 26.74 -2.80 10.92
CA GLU A 50 27.42 -3.78 10.11
C GLU A 50 27.45 -3.33 8.64
N LYS A 51 28.53 -3.70 7.94
CA LYS A 51 28.68 -3.47 6.51
C LYS A 51 27.82 -4.43 5.71
N ILE A 52 27.16 -3.88 4.69
CA ILE A 52 26.47 -4.65 3.69
C ILE A 52 26.83 -4.05 2.33
N HIS A 53 26.43 -4.75 1.26
CA HIS A 53 26.68 -4.26 -0.07
C HIS A 53 26.00 -2.89 -0.22
N LEU A 54 26.82 -1.85 -0.50
CA LEU A 54 26.43 -0.48 -0.82
C LEU A 54 25.95 0.26 0.43
N GLY A 55 26.25 -0.26 1.63
CA GLY A 55 25.83 0.50 2.77
C GLY A 55 26.08 -0.16 4.10
N TRP A 56 25.23 0.21 5.06
CA TRP A 56 25.28 -0.21 6.42
C TRP A 56 23.91 -0.73 6.84
N LYS A 57 23.92 -1.70 7.77
CA LYS A 57 22.69 -2.23 8.39
C LYS A 57 22.79 -2.09 9.91
N ILE A 58 21.73 -1.55 10.50
CA ILE A 58 21.61 -1.39 11.93
C ILE A 58 20.50 -2.36 12.38
N SER A 59 20.85 -3.32 13.24
CA SER A 59 19.94 -4.40 13.65
C SER A 59 20.15 -4.68 15.15
N GLY A 60 19.22 -5.40 15.78
CA GLY A 60 19.40 -5.68 17.20
C GLY A 60 18.09 -5.99 17.89
N ARG A 61 18.03 -5.68 19.18
CA ARG A 61 16.89 -6.06 20.01
C ARG A 61 16.72 -5.03 21.11
N VAL A 62 15.47 -4.93 21.60
CA VAL A 62 15.08 -3.93 22.53
C VAL A 62 14.11 -4.56 23.55
N LYS A 63 14.21 -4.10 24.80
CA LYS A 63 13.29 -4.51 25.85
C LYS A 63 12.99 -3.29 26.71
N GLY A 64 11.91 -3.38 27.50
CA GLY A 64 11.51 -2.28 28.33
C GLY A 64 10.37 -1.49 27.71
N SER A 65 10.39 -0.18 27.90
CA SER A 65 9.41 0.76 27.34
C SER A 65 10.12 1.72 26.40
N PRO A 66 10.43 1.31 25.16
CA PRO A 66 11.20 2.16 24.26
C PRO A 66 10.46 3.39 23.75
N GLY A 67 9.12 3.35 23.77
CA GLY A 67 8.32 4.48 23.37
C GLY A 67 8.59 4.87 21.93
N ARG A 68 8.80 6.16 21.68
CA ARG A 68 9.22 6.63 20.36
C ARG A 68 10.75 6.66 20.34
N LEU A 69 11.34 5.62 19.78
CA LEU A 69 12.77 5.33 19.93
C LEU A 69 13.53 5.94 18.75
N GLU A 70 14.47 6.86 19.05
CA GLU A 70 15.34 7.44 18.04
C GLU A 70 16.43 6.43 17.65
N VAL A 71 16.55 6.14 16.36
CA VAL A 71 17.50 5.19 15.82
C VAL A 71 18.65 5.93 15.15
N LEU A 72 18.34 6.89 14.27
CA LEU A 72 19.36 7.57 13.48
C LEU A 72 19.08 9.06 13.46
N ARG A 73 20.16 9.86 13.42
CA ARG A 73 20.03 11.28 13.22
C ARG A 73 21.13 11.75 12.26
N THR A 74 20.75 12.60 11.30
CA THR A 74 21.67 13.16 10.31
C THR A 74 21.08 14.47 9.77
N LYS A 75 21.92 15.28 9.12
CA LYS A 75 21.44 16.52 8.53
C LYS A 75 20.42 16.17 7.42
N ALA A 76 19.31 16.89 7.42
CA ALA A 76 18.28 16.70 6.42
C ALA A 76 18.81 17.13 5.06
N PRO A 77 18.64 16.33 3.99
CA PRO A 77 18.80 16.81 2.63
C PRO A 77 17.76 17.89 2.25
N GLU A 78 18.01 18.63 1.17
CA GLU A 78 17.16 19.72 0.73
CA GLU A 78 17.16 19.71 0.76
C GLU A 78 15.94 19.13 0.01
N LYS A 79 16.19 18.13 -0.83
CA LYS A 79 15.12 17.47 -1.61
C LYS A 79 15.07 16.00 -1.19
N VAL A 80 13.90 15.55 -0.73
CA VAL A 80 13.73 14.17 -0.27
C VAL A 80 12.52 13.56 -0.97
N LEU A 81 12.66 12.30 -1.36
CA LEU A 81 11.54 11.44 -1.70
C LEU A 81 10.96 10.90 -0.41
N VAL A 82 9.72 11.27 -0.15
CA VAL A 82 9.02 10.88 1.05
C VAL A 82 7.89 9.93 0.68
N ASN A 83 7.49 9.15 1.68
CA ASN A 83 6.56 8.04 1.43
C ASN A 83 5.52 8.01 2.56
N ASN A 84 4.25 8.02 2.18
CA ASN A 84 3.18 7.82 3.13
C ASN A 84 3.07 6.34 3.50
N TRP A 85 2.66 6.03 4.74
CA TRP A 85 2.60 4.63 5.17
C TRP A 85 1.64 3.75 4.37
N GLN A 86 0.63 4.32 3.70
CA GLN A 86 -0.43 3.45 3.14
C GLN A 86 -0.65 3.70 1.64
N SER A 87 -1.36 2.74 1.02
CA SER A 87 -1.68 2.70 -0.41
C SER A 87 -1.90 4.09 -1.00
N TRP A 88 -2.86 4.84 -0.43
CA TRP A 88 -3.40 5.99 -1.14
C TRP A 88 -2.50 7.22 -1.01
N GLY A 89 -1.61 7.24 0.00
CA GLY A 89 -0.87 8.42 0.31
C GLY A 89 0.32 8.62 -0.64
N PRO A 90 0.82 9.87 -0.76
CA PRO A 90 1.80 10.19 -1.77
C PRO A 90 3.18 9.57 -1.52
N CYS A 91 3.80 9.16 -2.62
CA CYS A 91 5.26 9.00 -2.64
C CYS A 91 5.81 10.00 -3.64
N ARG A 92 6.52 11.02 -3.11
CA ARG A 92 6.83 12.18 -3.92
C ARG A 92 8.05 12.92 -3.35
N VAL A 93 8.64 13.76 -4.20
CA VAL A 93 9.77 14.58 -3.81
C VAL A 93 9.28 15.91 -3.25
N VAL A 94 9.77 16.25 -2.06
CA VAL A 94 9.39 17.46 -1.39
C VAL A 94 10.65 18.24 -0.97
N ASP A 95 10.48 19.55 -0.85
CA ASP A 95 11.51 20.44 -0.36
C ASP A 95 11.44 20.46 1.17
N ALA A 96 12.43 19.85 1.82
CA ALA A 96 12.42 19.58 3.24
C ALA A 96 12.49 20.87 4.08
N PHE A 97 12.93 21.97 3.47
CA PHE A 97 13.19 23.19 4.23
C PHE A 97 12.03 24.18 4.11
N SER A 98 11.21 24.06 3.07
CA SER A 98 10.06 24.94 2.94
C SER A 98 8.75 24.24 3.33
N PHE A 99 8.84 23.05 3.92
CA PHE A 99 7.68 22.30 4.42
C PHE A 99 6.87 23.14 5.42
N LYS A 100 5.54 23.19 5.21
CA LYS A 100 4.56 23.66 6.20
C LYS A 100 3.60 22.51 6.51
N PRO A 101 3.30 22.26 7.80
CA PRO A 101 2.40 21.18 8.17
C PRO A 101 1.06 21.29 7.44
N PRO A 102 0.49 20.16 6.94
CA PRO A 102 -0.85 20.18 6.38
C PRO A 102 -1.89 20.26 7.51
N GLU A 103 -3.08 20.77 7.17
CA GLU A 103 -4.24 20.68 8.02
C GLU A 103 -4.79 19.27 7.86
N ILE A 104 -4.90 18.53 8.97
CA ILE A 104 -5.31 17.14 8.92
C ILE A 104 -6.83 17.08 9.06
N ASP A 105 -7.48 16.43 8.08
CA ASP A 105 -8.90 16.17 8.01
C ASP A 105 -9.29 15.24 9.16
N PRO A 106 -10.10 15.70 10.15
CA PRO A 106 -10.49 14.85 11.28
C PRO A 106 -11.28 13.60 10.86
N ASN A 107 -11.78 13.54 9.63
CA ASN A 107 -12.50 12.33 9.18
C ASN A 107 -11.53 11.27 8.62
N TRP A 108 -10.28 11.67 8.35
CA TRP A 108 -9.29 10.79 7.65
C TRP A 108 -7.87 10.92 8.23
N ARG A 109 -7.77 11.18 9.52
CA ARG A 109 -6.51 11.59 10.08
C ARG A 109 -5.47 10.46 9.94
N TYR A 110 -5.92 9.20 10.03
CA TYR A 110 -4.98 8.08 10.14
C TYR A 110 -4.54 7.60 8.76
N THR A 111 -5.18 8.07 7.71
CA THR A 111 -4.59 7.90 6.38
C THR A 111 -3.40 8.84 6.20
N ALA A 112 -3.44 10.00 6.84
CA ALA A 112 -2.34 10.94 6.69
C ALA A 112 -1.13 10.41 7.49
N SER A 113 -1.40 9.82 8.65
CA SER A 113 -0.29 9.40 9.54
C SER A 113 -0.85 8.56 10.69
N VAL A 114 -0.10 7.55 11.10
CA VAL A 114 -0.39 6.77 12.28
C VAL A 114 0.13 7.53 13.53
N VAL A 115 0.94 8.56 13.30
CA VAL A 115 1.47 9.39 14.39
C VAL A 115 1.17 10.85 14.05
N PRO A 116 -0.12 11.23 14.03
CA PRO A 116 -0.51 12.54 13.50
C PRO A 116 0.14 13.70 14.26
N ASP A 117 0.61 13.47 15.49
CA ASP A 117 1.29 14.50 16.31
C ASP A 117 2.55 14.98 15.57
N VAL A 118 3.18 14.05 14.83
CA VAL A 118 4.38 14.36 14.04
C VAL A 118 3.96 15.23 12.87
N LEU A 119 2.98 14.74 12.10
CA LEU A 119 2.69 15.28 10.78
C LEU A 119 2.11 16.69 10.91
N GLU A 120 1.56 17.03 12.08
CA GLU A 120 1.00 18.38 12.26
C GLU A 120 2.10 19.38 12.63
N ARG A 121 3.35 18.91 12.85
CA ARG A 121 4.48 19.78 13.23
C ARG A 121 5.62 19.70 12.19
N ASN A 122 5.93 18.49 11.70
CA ASN A 122 7.17 18.20 11.02
C ASN A 122 6.89 17.35 9.77
N LEU A 123 7.73 17.51 8.72
CA LEU A 123 7.73 16.61 7.56
C LEU A 123 7.94 15.18 8.03
N GLN A 124 7.06 14.27 7.60
CA GLN A 124 7.08 12.84 7.97
C GLN A 124 7.29 12.00 6.70
N SER A 125 8.07 10.93 6.83
CA SER A 125 8.16 9.91 5.82
C SER A 125 8.09 8.55 6.50
N ASP A 126 7.29 7.62 5.95
CA ASP A 126 7.11 6.34 6.60
C ASP A 126 7.96 5.28 5.87
N TYR A 127 8.61 4.43 6.66
CA TYR A 127 9.34 3.23 6.21
C TYR A 127 10.69 3.60 5.57
N PHE A 128 10.70 4.53 4.64
CA PHE A 128 11.93 4.89 3.92
C PHE A 128 11.88 6.35 3.52
N VAL A 129 13.08 6.91 3.26
CA VAL A 129 13.21 8.21 2.68
C VAL A 129 14.45 8.18 1.79
N ALA A 130 14.42 8.91 0.68
CA ALA A 130 15.55 8.90 -0.26
C ALA A 130 15.94 10.34 -0.60
N GLU A 131 17.22 10.48 -0.97
CA GLU A 131 17.73 11.67 -1.66
C GLU A 131 18.57 11.18 -2.84
N GLU A 132 18.97 12.11 -3.71
CA GLU A 132 19.87 11.76 -4.75
C GLU A 132 21.09 11.07 -4.14
N GLY A 133 21.27 9.80 -4.52
CA GLY A 133 22.42 8.99 -4.17
C GLY A 133 22.34 8.26 -2.84
N LYS A 134 21.20 8.32 -2.12
CA LYS A 134 21.14 7.76 -0.76
C LYS A 134 19.70 7.32 -0.44
N VAL A 135 19.61 6.12 0.14
CA VAL A 135 18.34 5.60 0.67
C VAL A 135 18.54 5.27 2.15
N TYR A 136 17.61 5.75 2.97
CA TYR A 136 17.46 5.29 4.34
C TYR A 136 16.17 4.49 4.43
N GLY A 137 16.24 3.26 4.94
CA GLY A 137 15.03 2.41 4.84
C GLY A 137 14.98 1.33 5.89
N PHE A 138 13.81 1.17 6.53
CA PHE A 138 13.62 0.11 7.45
C PHE A 138 13.16 -1.13 6.70
N LEU A 139 13.58 -2.33 7.13
CA LEU A 139 13.35 -3.52 6.37
C LEU A 139 12.04 -4.20 6.75
N SER A 140 11.43 -3.78 7.87
CA SER A 140 10.22 -4.42 8.36
C SER A 140 9.44 -3.46 9.24
N SER A 141 8.16 -3.78 9.44
CA SER A 141 7.29 -3.17 10.43
C SER A 141 6.42 -4.28 11.03
N LYS A 142 7.00 -5.03 11.96
CA LYS A 142 6.34 -6.17 12.57
C LYS A 142 5.80 -5.78 13.96
N ILE A 143 6.54 -4.94 14.68
CA ILE A 143 6.13 -4.51 16.01
C ILE A 143 6.00 -2.99 16.04
N ALA A 144 7.08 -2.26 15.69
CA ALA A 144 7.10 -0.82 15.70
C ALA A 144 6.68 -0.29 14.33
N HIS A 145 6.20 0.96 14.35
CA HIS A 145 6.03 1.74 13.15
C HIS A 145 7.30 2.53 12.90
N PRO A 146 8.01 2.28 11.78
CA PRO A 146 9.26 2.99 11.50
C PRO A 146 9.01 4.23 10.63
N PHE A 147 9.52 5.38 11.06
CA PHE A 147 9.27 6.56 10.30
C PHE A 147 10.43 7.53 10.45
N PHE A 148 10.41 8.56 9.60
CA PHE A 148 11.41 9.63 9.64
C PHE A 148 10.69 10.96 9.84
N ALA A 149 11.34 11.90 10.53
CA ALA A 149 10.84 13.24 10.67
C ALA A 149 11.98 14.22 10.40
N VAL A 150 11.65 15.36 9.81
CA VAL A 150 12.65 16.46 9.71
C VAL A 150 12.34 17.45 10.83
N GLU A 151 13.26 17.51 11.80
CA GLU A 151 13.09 18.29 13.03
C GLU A 151 14.20 19.37 13.05
N ASP A 152 13.79 20.63 12.84
CA ASP A 152 14.71 21.77 12.84
CA ASP A 152 14.70 21.78 12.81
C ASP A 152 15.96 21.42 12.03
N GLY A 153 15.76 21.00 10.78
CA GLY A 153 16.81 20.79 9.83
C GLY A 153 17.56 19.49 9.98
N GLU A 154 17.14 18.58 10.89
CA GLU A 154 17.77 17.25 11.00
C GLU A 154 16.77 16.15 10.61
N LEU A 155 17.25 15.16 9.87
CA LEU A 155 16.47 13.95 9.56
C LEU A 155 16.65 12.96 10.72
N VAL A 156 15.54 12.55 11.34
CA VAL A 156 15.57 11.64 12.48
C VAL A 156 14.73 10.41 12.16
N ALA A 157 15.35 9.25 12.31
CA ALA A 157 14.66 7.96 12.14
C ALA A 157 14.20 7.47 13.51
N TYR A 158 12.93 7.07 13.57
CA TYR A 158 12.31 6.62 14.81
C TYR A 158 11.62 5.27 14.60
N LEU A 159 11.56 4.49 15.68
CA LEU A 159 10.70 3.32 15.81
C LEU A 159 9.67 3.63 16.90
N GLU A 160 8.40 3.71 16.50
CA GLU A 160 7.29 4.00 17.41
C GLU A 160 6.69 2.70 17.95
N TYR A 161 6.75 2.54 19.28
CA TYR A 161 6.21 1.36 19.97
C TYR A 161 4.89 1.65 20.71
N PHE A 162 4.33 2.86 20.58
CA PHE A 162 2.95 3.17 21.04
C PHE A 162 2.77 2.80 22.52
N ASP A 163 3.76 3.11 23.34
CA ASP A 163 3.67 2.95 24.81
C ASP A 163 3.58 1.48 25.23
N VAL A 164 3.89 0.53 24.35
CA VAL A 164 3.89 -0.87 24.73
C VAL A 164 5.21 -1.21 25.44
N GLU A 165 5.12 -2.11 26.41
CA GLU A 165 6.23 -2.52 27.26
C GLU A 165 6.55 -3.99 26.93
N PHE A 166 7.85 -4.32 26.87
CA PHE A 166 8.29 -5.66 26.50
C PHE A 166 9.15 -6.20 27.65
N ASP A 167 8.65 -7.25 28.32
CA ASP A 167 9.33 -7.86 29.45
C ASP A 167 10.67 -8.46 29.00
N ASP A 168 10.68 -9.08 27.82
CA ASP A 168 11.87 -9.70 27.26
CA ASP A 168 11.87 -9.72 27.26
C ASP A 168 12.21 -9.05 25.91
N PHE A 169 13.45 -9.23 25.46
CA PHE A 169 13.89 -8.61 24.21
C PHE A 169 12.95 -8.99 23.06
N VAL A 170 12.66 -8.01 22.19
CA VAL A 170 12.08 -8.29 20.88
C VAL A 170 13.00 -7.68 19.83
N PRO A 171 12.96 -8.16 18.57
CA PRO A 171 13.83 -7.63 17.52
C PRO A 171 13.48 -6.21 17.12
N LEU A 172 14.49 -5.37 16.96
CA LEU A 172 14.35 -4.09 16.23
C LEU A 172 13.90 -4.40 14.80
N GLU A 173 13.22 -3.41 14.21
CA GLU A 173 13.07 -3.37 12.78
C GLU A 173 14.43 -2.91 12.25
N PRO A 174 15.09 -3.69 11.37
CA PRO A 174 16.39 -3.28 10.88
C PRO A 174 16.34 -2.05 9.98
N LEU A 175 17.38 -1.21 10.04
CA LEU A 175 17.49 0.01 9.25
C LEU A 175 18.73 -0.12 8.36
N VAL A 176 18.56 0.13 7.07
CA VAL A 176 19.70 0.21 6.16
C VAL A 176 19.90 1.64 5.68
N VAL A 177 21.20 1.97 5.47
CA VAL A 177 21.64 3.23 4.88
C VAL A 177 22.49 2.86 3.67
N LEU A 178 22.01 3.20 2.48
CA LEU A 178 22.59 2.75 1.23
C LEU A 178 23.05 4.00 0.45
N GLU A 179 24.21 3.88 -0.21
CA GLU A 179 24.71 5.01 -1.00
C GLU A 179 25.28 4.48 -2.32
N ASP A 180 24.96 5.21 -3.38
CA ASP A 180 25.38 4.91 -4.77
C ASP A 180 24.78 6.01 -5.64
N PRO A 181 25.46 6.52 -6.67
CA PRO A 181 24.85 7.53 -7.54
C PRO A 181 23.57 7.05 -8.25
N ASN A 182 23.41 5.75 -8.39
CA ASN A 182 22.20 5.20 -9.07
C ASN A 182 21.09 5.03 -8.01
N THR A 183 20.30 6.09 -7.81
CA THR A 183 19.24 6.11 -6.76
C THR A 183 18.20 5.02 -7.06
N PRO A 184 17.75 4.83 -8.32
CA PRO A 184 16.80 3.75 -8.62
C PRO A 184 17.33 2.36 -8.23
N LEU A 185 18.62 2.11 -8.51
CA LEU A 185 19.25 0.86 -8.11
CA LEU A 185 19.28 0.87 -8.11
C LEU A 185 19.20 0.69 -6.59
N LEU A 186 19.39 1.78 -5.83
CA LEU A 186 19.37 1.73 -4.37
C LEU A 186 17.97 1.32 -3.88
N LEU A 187 16.94 1.95 -4.48
CA LEU A 187 15.56 1.68 -4.05
C LEU A 187 15.17 0.23 -4.36
N GLU A 188 15.64 -0.28 -5.50
CA GLU A 188 15.42 -1.66 -5.86
C GLU A 188 16.13 -2.59 -4.85
N LYS A 189 17.35 -2.23 -4.46
CA LYS A 189 18.12 -3.05 -3.56
CA LYS A 189 18.13 -3.05 -3.55
C LYS A 189 17.43 -3.06 -2.18
N TYR A 190 17.04 -1.86 -1.72
CA TYR A 190 16.26 -1.72 -0.49
C TYR A 190 15.06 -2.67 -0.53
N ALA A 191 14.33 -2.64 -1.65
CA ALA A 191 13.11 -3.43 -1.75
C ALA A 191 13.42 -4.93 -1.79
N GLU A 192 14.55 -5.33 -2.39
N GLU A 192 14.54 -5.33 -2.41
CA GLU A 192 14.93 -6.74 -2.36
CA GLU A 192 14.98 -6.71 -2.38
C GLU A 192 15.23 -7.15 -0.91
C GLU A 192 15.22 -7.14 -0.91
N LEU A 193 15.87 -6.27 -0.14
CA LEU A 193 16.18 -6.59 1.27
C LEU A 193 14.89 -6.70 2.09
N VAL A 194 13.92 -5.82 1.80
CA VAL A 194 12.60 -5.91 2.46
C VAL A 194 11.93 -7.24 2.12
N GLY A 195 11.95 -7.61 0.84
CA GLY A 195 11.37 -8.85 0.39
C GLY A 195 11.93 -10.06 1.11
N MET A 196 13.25 -10.08 1.30
CA MET A 196 13.90 -11.22 1.95
CA MET A 196 13.93 -11.20 1.96
C MET A 196 13.58 -11.23 3.45
N GLU A 197 13.52 -10.03 4.06
CA GLU A 197 13.29 -9.89 5.48
C GLU A 197 11.88 -10.38 5.86
N ASN A 198 10.93 -10.28 4.93
CA ASN A 198 9.53 -10.53 5.23
C ASN A 198 8.97 -11.72 4.45
N ASN A 199 9.81 -12.46 3.73
CA ASN A 199 9.34 -13.58 2.91
CA ASN A 199 9.35 -13.58 2.88
C ASN A 199 8.21 -13.13 1.99
N ALA A 200 8.49 -12.09 1.19
CA ALA A 200 7.48 -11.51 0.28
C ALA A 200 6.85 -12.60 -0.60
N ARG A 201 5.55 -12.50 -0.84
CA ARG A 201 4.87 -13.28 -1.87
C ARG A 201 4.94 -12.51 -3.19
N VAL A 202 5.61 -13.11 -4.17
CA VAL A 202 5.63 -12.56 -5.50
C VAL A 202 5.10 -13.64 -6.44
N PRO A 203 3.79 -13.62 -6.75
CA PRO A 203 3.18 -14.61 -7.63
C PRO A 203 3.90 -14.70 -8.98
N LYS A 204 3.96 -15.92 -9.51
CA LYS A 204 4.55 -16.20 -10.81
C LYS A 204 3.60 -15.76 -11.92
N HIS A 205 2.30 -15.75 -11.64
CA HIS A 205 1.28 -15.37 -12.60
C HIS A 205 0.60 -14.08 -12.11
N THR A 206 0.36 -13.15 -13.01
CA THR A 206 -0.44 -11.99 -12.66
C THR A 206 -1.83 -12.09 -13.25
N PRO A 207 -2.87 -12.00 -12.40
CA PRO A 207 -4.25 -12.04 -12.86
C PRO A 207 -4.60 -10.81 -13.71
N THR A 208 -5.39 -11.04 -14.76
CA THR A 208 -6.17 -10.01 -15.41
C THR A 208 -7.61 -10.13 -14.92
N GLY A 209 -8.39 -9.08 -15.15
CA GLY A 209 -9.76 -9.13 -14.73
C GLY A 209 -10.48 -7.81 -14.85
N TRP A 210 -11.68 -7.83 -14.29
CA TRP A 210 -12.67 -6.78 -14.35
C TRP A 210 -13.05 -6.41 -12.92
N CYS A 211 -13.26 -5.11 -12.66
CA CYS A 211 -13.64 -4.58 -11.36
C CYS A 211 -14.82 -3.62 -11.60
N SER A 212 -15.86 -3.66 -10.77
CA SER A 212 -17.06 -2.84 -10.98
C SER A 212 -16.87 -1.34 -10.70
N TRP A 213 -15.89 -0.99 -9.84
CA TRP A 213 -16.00 0.25 -9.06
C TRP A 213 -16.00 1.51 -9.95
N TYR A 214 -15.04 1.63 -10.86
CA TYR A 214 -14.74 2.90 -11.51
C TYR A 214 -15.70 3.22 -12.66
N HIS A 215 -16.74 2.39 -12.82
CA HIS A 215 -17.87 2.77 -13.68
C HIS A 215 -19.13 2.96 -12.83
N TYR A 216 -19.45 1.96 -12.00
CA TYR A 216 -20.73 1.88 -11.32
C TYR A 216 -20.69 2.48 -9.91
N PHE A 217 -19.51 2.47 -9.28
CA PHE A 217 -19.37 2.96 -7.90
C PHE A 217 -20.44 2.27 -7.04
N LEU A 218 -21.05 3.00 -6.10
CA LEU A 218 -21.98 2.36 -5.13
C LEU A 218 -23.32 2.02 -5.82
N ASP A 219 -23.44 2.41 -7.08
CA ASP A 219 -24.74 2.26 -7.76
C ASP A 219 -24.76 0.99 -8.61
N LEU A 220 -23.76 0.12 -8.49
CA LEU A 220 -23.80 -1.15 -9.17
C LEU A 220 -25.09 -1.88 -8.80
N THR A 221 -25.72 -2.48 -9.82
CA THR A 221 -26.81 -3.42 -9.61
C THR A 221 -26.36 -4.81 -10.06
N TRP A 222 -27.05 -5.85 -9.60
CA TRP A 222 -26.78 -7.16 -10.09
C TRP A 222 -27.16 -7.27 -11.57
N GLU A 223 -28.24 -6.59 -11.97
CA GLU A 223 -28.66 -6.59 -13.37
C GLU A 223 -27.53 -6.09 -14.28
N GLU A 224 -26.85 -4.98 -13.89
CA GLU A 224 -25.71 -4.48 -14.70
C GLU A 224 -24.52 -5.42 -14.56
N THR A 225 -24.34 -6.02 -13.37
CA THR A 225 -23.27 -6.96 -13.19
C THR A 225 -23.41 -8.12 -14.20
N LEU A 226 -24.63 -8.66 -14.34
CA LEU A 226 -24.85 -9.79 -15.26
C LEU A 226 -24.58 -9.39 -16.70
N LYS A 227 -24.96 -8.17 -17.08
CA LYS A 227 -24.72 -7.63 -18.43
CA LYS A 227 -24.73 -7.70 -18.44
C LYS A 227 -23.21 -7.70 -18.71
N ASN A 228 -22.42 -7.26 -17.72
CA ASN A 228 -20.95 -7.22 -17.87
C ASN A 228 -20.35 -8.64 -17.85
N LEU A 229 -20.93 -9.53 -17.05
CA LEU A 229 -20.46 -10.90 -16.95
C LEU A 229 -20.53 -11.58 -18.33
N LYS A 230 -21.61 -11.31 -19.06
CA LYS A 230 -21.83 -11.90 -20.38
C LYS A 230 -20.82 -11.29 -21.35
N LEU A 231 -20.65 -9.97 -21.31
CA LEU A 231 -19.75 -9.28 -22.26
C LEU A 231 -18.29 -9.64 -21.98
N ALA A 232 -17.99 -9.97 -20.71
CA ALA A 232 -16.61 -10.19 -20.28
C ALA A 232 -16.01 -11.43 -20.96
N LYS A 233 -16.87 -12.29 -21.48
CA LYS A 233 -16.39 -13.49 -22.18
C LYS A 233 -15.66 -13.09 -23.48
N ASN A 234 -15.80 -11.84 -23.91
CA ASN A 234 -15.15 -11.33 -25.14
C ASN A 234 -13.87 -10.55 -24.81
N PHE A 235 -13.46 -10.55 -23.55
CA PHE A 235 -12.28 -9.81 -23.08
C PHE A 235 -11.30 -10.77 -22.42
N PRO A 236 -10.00 -10.44 -22.33
CA PRO A 236 -9.01 -11.33 -21.75
C PRO A 236 -8.94 -11.22 -20.21
N PHE A 237 -10.08 -11.48 -19.57
CA PHE A 237 -10.26 -11.34 -18.12
C PHE A 237 -10.30 -12.71 -17.44
N GLU A 238 -9.50 -12.89 -16.39
CA GLU A 238 -9.47 -14.15 -15.63
C GLU A 238 -10.40 -14.03 -14.42
N VAL A 239 -10.31 -12.86 -13.78
CA VAL A 239 -11.01 -12.55 -12.53
C VAL A 239 -12.18 -11.62 -12.85
N PHE A 240 -13.30 -11.83 -12.13
CA PHE A 240 -14.44 -10.97 -12.23
C PHE A 240 -14.82 -10.56 -10.80
N GLN A 241 -14.54 -9.29 -10.43
CA GLN A 241 -14.51 -8.87 -9.04
C GLN A 241 -15.59 -7.84 -8.76
N ILE A 242 -16.49 -8.17 -7.82
CA ILE A 242 -17.49 -7.29 -7.36
C ILE A 242 -16.92 -6.35 -6.30
N ASP A 243 -17.06 -5.03 -6.50
CA ASP A 243 -16.52 -4.05 -5.56
C ASP A 243 -17.64 -3.61 -4.64
N ASP A 244 -17.38 -2.58 -3.83
CA ASP A 244 -18.30 -2.01 -2.87
C ASP A 244 -19.59 -1.65 -3.60
N ALA A 245 -20.70 -2.18 -3.10
CA ALA A 245 -22.10 -1.90 -3.55
C ALA A 245 -23.06 -2.98 -3.04
N TYR A 246 -22.57 -4.23 -3.03
CA TYR A 246 -23.41 -5.42 -2.83
C TYR A 246 -23.89 -5.57 -1.38
N GLU A 247 -23.10 -5.05 -0.43
CA GLU A 247 -23.25 -5.34 0.99
C GLU A 247 -24.28 -4.39 1.63
N LYS A 248 -24.98 -4.89 2.66
CA LYS A 248 -26.00 -4.07 3.32
C LYS A 248 -25.35 -3.01 4.19
N ASP A 249 -24.18 -3.30 4.79
CA ASP A 249 -23.51 -2.31 5.64
C ASP A 249 -22.04 -2.74 5.78
N ILE A 250 -21.22 -1.80 6.25
CA ILE A 250 -19.77 -2.05 6.42
C ILE A 250 -19.59 -2.89 7.69
N GLY A 251 -19.16 -4.13 7.49
CA GLY A 251 -19.03 -5.14 8.51
C GLY A 251 -19.99 -6.29 8.33
N ASP A 252 -21.07 -6.08 7.56
CA ASP A 252 -22.10 -7.10 7.36
C ASP A 252 -21.92 -7.71 5.96
N TRP A 253 -20.78 -8.38 5.78
CA TRP A 253 -20.26 -8.77 4.48
C TRP A 253 -21.09 -9.88 3.83
N LEU A 254 -21.85 -10.63 4.62
CA LEU A 254 -22.61 -11.74 4.03
C LEU A 254 -24.09 -11.40 3.93
N VAL A 255 -24.43 -10.13 4.13
CA VAL A 255 -25.80 -9.62 3.98
C VAL A 255 -25.81 -8.70 2.77
N THR A 256 -26.59 -9.05 1.73
CA THR A 256 -26.65 -8.24 0.53
C THR A 256 -27.88 -7.32 0.54
N ARG A 257 -27.86 -6.36 -0.38
CA ARG A 257 -28.84 -5.33 -0.48
C ARG A 257 -29.36 -5.29 -1.93
N GLY A 258 -30.43 -4.52 -2.14
CA GLY A 258 -30.94 -4.23 -3.49
C GLY A 258 -31.32 -5.50 -4.23
N ASP A 259 -30.91 -5.59 -5.50
CA ASP A 259 -31.24 -6.71 -6.36
C ASP A 259 -30.14 -7.79 -6.32
N PHE A 260 -29.21 -7.69 -5.37
CA PHE A 260 -28.15 -8.68 -5.34
C PHE A 260 -28.71 -9.97 -4.75
N PRO A 261 -28.29 -11.13 -5.26
CA PRO A 261 -28.62 -12.40 -4.60
C PRO A 261 -27.66 -12.59 -3.42
N SER A 262 -27.61 -13.79 -2.86
CA SER A 262 -26.69 -14.04 -1.76
C SER A 262 -25.24 -13.95 -2.28
N VAL A 263 -24.34 -13.69 -1.34
CA VAL A 263 -22.93 -13.64 -1.66
C VAL A 263 -22.50 -14.99 -2.24
N GLU A 264 -23.04 -16.09 -1.69
CA GLU A 264 -22.72 -17.42 -2.21
C GLU A 264 -23.24 -17.56 -3.64
N GLU A 265 -24.47 -17.10 -3.86
CA GLU A 265 -25.10 -17.19 -5.16
C GLU A 265 -24.30 -16.39 -6.19
N MET A 266 -23.82 -15.20 -5.79
CA MET A 266 -23.03 -14.41 -6.72
C MET A 266 -21.81 -15.20 -7.17
N ALA A 267 -21.07 -15.81 -6.22
CA ALA A 267 -19.91 -16.58 -6.56
C ALA A 267 -20.26 -17.72 -7.53
N LYS A 268 -21.43 -18.35 -7.34
CA LYS A 268 -21.80 -19.52 -8.17
C LYS A 268 -22.10 -19.07 -9.62
N VAL A 269 -22.82 -17.96 -9.77
CA VAL A 269 -23.13 -17.40 -11.08
C VAL A 269 -21.81 -17.00 -11.79
N ILE A 270 -20.90 -16.33 -11.06
CA ILE A 270 -19.66 -15.87 -11.68
C ILE A 270 -18.85 -17.07 -12.15
N ALA A 271 -18.71 -18.10 -11.29
CA ALA A 271 -17.94 -19.28 -11.62
C ALA A 271 -18.62 -20.03 -12.77
N GLU A 272 -19.96 -20.09 -12.75
CA GLU A 272 -20.70 -20.83 -13.79
C GLU A 272 -20.42 -20.18 -15.15
N ASN A 273 -20.15 -18.87 -15.15
CA ASN A 273 -19.88 -18.11 -16.36
C ASN A 273 -18.39 -18.14 -16.72
N GLY A 274 -17.59 -18.87 -15.94
CA GLY A 274 -16.22 -19.21 -16.34
C GLY A 274 -15.17 -18.24 -15.82
N PHE A 275 -15.51 -17.44 -14.80
CA PHE A 275 -14.53 -16.49 -14.23
C PHE A 275 -14.10 -16.94 -12.84
N ILE A 276 -12.91 -16.50 -12.42
CA ILE A 276 -12.54 -16.55 -10.99
C ILE A 276 -13.33 -15.48 -10.24
N PRO A 277 -14.17 -15.84 -9.27
CA PRO A 277 -14.93 -14.85 -8.51
C PRO A 277 -14.03 -14.06 -7.55
N GLY A 278 -14.21 -12.74 -7.60
CA GLY A 278 -13.50 -11.79 -6.73
C GLY A 278 -14.50 -10.96 -5.97
N ILE A 279 -14.11 -10.52 -4.76
CA ILE A 279 -14.99 -9.74 -3.94
C ILE A 279 -14.18 -8.76 -3.08
N TRP A 280 -14.76 -7.58 -2.96
CA TRP A 280 -14.28 -6.51 -2.11
C TRP A 280 -14.86 -6.64 -0.72
N THR A 281 -14.02 -6.38 0.29
CA THR A 281 -14.46 -6.15 1.63
C THR A 281 -13.57 -5.09 2.26
N ALA A 282 -14.01 -4.51 3.37
CA ALA A 282 -13.21 -3.63 4.23
C ALA A 282 -13.14 -4.30 5.60
N PRO A 283 -12.32 -5.37 5.74
CA PRO A 283 -12.60 -6.37 6.75
C PRO A 283 -12.23 -5.92 8.18
N PHE A 284 -11.45 -4.84 8.32
CA PHE A 284 -11.12 -4.38 9.64
C PHE A 284 -12.05 -3.23 10.08
N SER A 285 -13.08 -2.95 9.29
CA SER A 285 -13.98 -1.81 9.47
C SER A 285 -15.37 -2.30 9.88
N VAL A 286 -15.99 -1.63 10.87
CA VAL A 286 -17.42 -1.88 11.11
C VAL A 286 -18.10 -0.53 11.35
N SER A 287 -19.23 -0.30 10.67
CA SER A 287 -19.90 0.98 10.79
C SER A 287 -20.74 1.04 12.09
N GLU A 288 -21.03 2.28 12.51
CA GLU A 288 -21.87 2.53 13.68
C GLU A 288 -23.27 1.89 13.50
N THR A 289 -23.69 1.64 12.26
CA THR A 289 -25.07 1.12 11.96
C THR A 289 -25.08 -0.40 11.72
N SER A 290 -23.90 -1.02 11.63
CA SER A 290 -23.82 -2.41 11.22
C SER A 290 -24.40 -3.33 12.30
N ASP A 291 -24.85 -4.49 11.84
CA ASP A 291 -25.29 -5.55 12.71
C ASP A 291 -24.14 -6.00 13.61
N VAL A 292 -22.96 -6.19 13.01
CA VAL A 292 -21.87 -6.75 13.77
C VAL A 292 -21.46 -5.80 14.91
N PHE A 293 -21.36 -4.50 14.66
CA PHE A 293 -21.03 -3.57 15.71
C PHE A 293 -22.11 -3.54 16.80
N ASN A 294 -23.37 -3.54 16.40
CA ASN A 294 -24.47 -3.39 17.36
C ASN A 294 -24.58 -4.66 18.22
N GLU A 295 -24.17 -5.78 17.67
CA GLU A 295 -24.16 -7.07 18.38
C GLU A 295 -22.93 -7.18 19.29
N HIS A 296 -21.81 -6.61 18.86
CA HIS A 296 -20.51 -6.81 19.49
C HIS A 296 -19.80 -5.48 19.67
N PRO A 297 -20.34 -4.59 20.52
CA PRO A 297 -19.74 -3.28 20.75
C PRO A 297 -18.34 -3.32 21.39
N ASP A 298 -17.97 -4.47 21.98
CA ASP A 298 -16.72 -4.65 22.65
C ASP A 298 -15.65 -5.19 21.67
N TRP A 299 -16.00 -5.31 20.38
CA TRP A 299 -15.04 -5.87 19.37
C TRP A 299 -14.16 -4.77 18.76
N VAL A 300 -14.32 -3.51 19.15
CA VAL A 300 -13.61 -2.40 18.48
C VAL A 300 -12.57 -1.76 19.37
N VAL A 301 -11.63 -1.09 18.69
CA VAL A 301 -10.60 -0.29 19.33
C VAL A 301 -11.30 0.87 20.07
N LYS A 302 -10.76 1.22 21.25
CA LYS A 302 -11.42 2.15 22.16
CA LYS A 302 -11.44 2.17 22.13
C LYS A 302 -10.55 3.37 22.45
N GLU A 303 -11.22 4.44 22.89
CA GLU A 303 -10.58 5.65 23.46
C GLU A 303 -11.38 6.06 24.70
N ASN A 304 -10.70 6.08 25.84
CA ASN A 304 -11.33 6.29 27.13
C ASN A 304 -12.46 5.28 27.33
N GLY A 305 -12.30 4.07 26.79
CA GLY A 305 -13.21 2.96 27.05
C GLY A 305 -14.41 2.94 26.12
N GLU A 306 -14.52 3.93 25.22
CA GLU A 306 -15.63 4.01 24.25
C GLU A 306 -15.10 3.75 22.84
N PRO A 307 -15.95 3.29 21.90
CA PRO A 307 -15.52 3.06 20.52
C PRO A 307 -14.84 4.32 19.95
N LYS A 308 -13.67 4.11 19.35
CA LYS A 308 -12.87 5.15 18.77
C LYS A 308 -13.11 5.19 17.25
N MET A 309 -13.60 6.32 16.74
CA MET A 309 -13.79 6.43 15.30
C MET A 309 -12.44 6.28 14.60
N ALA A 310 -12.38 5.35 13.65
CA ALA A 310 -11.18 5.06 12.84
C ALA A 310 -11.11 5.99 11.62
N TYR A 311 -12.30 6.31 11.07
CA TYR A 311 -12.47 7.24 9.96
C TYR A 311 -13.98 7.41 9.76
N ARG A 312 -14.35 8.41 8.96
CA ARG A 312 -15.75 8.58 8.54
C ARG A 312 -15.83 8.39 7.04
N ASN A 313 -16.74 7.53 6.60
CA ASN A 313 -16.97 7.31 5.18
C ASN A 313 -18.38 6.76 5.03
N TRP A 314 -18.89 6.77 3.80
CA TRP A 314 -20.28 6.34 3.51
C TRP A 314 -21.27 7.11 4.40
N ASN A 315 -20.88 8.33 4.82
CA ASN A 315 -21.69 9.18 5.68
C ASN A 315 -22.00 8.48 7.02
N LYS A 316 -21.01 7.75 7.56
CA LYS A 316 -21.14 7.03 8.83
C LYS A 316 -19.80 7.09 9.57
N LYS A 317 -19.85 7.09 10.90
CA LYS A 317 -18.69 6.76 11.72
C LYS A 317 -18.33 5.29 11.50
N ILE A 318 -17.03 5.04 11.25
CA ILE A 318 -16.54 3.70 11.05
C ILE A 318 -15.53 3.40 12.19
N TYR A 319 -15.72 2.24 12.83
CA TYR A 319 -14.91 1.77 13.94
C TYR A 319 -13.94 0.69 13.41
N ALA A 320 -12.88 0.45 14.16
CA ALA A 320 -11.85 -0.51 13.81
C ALA A 320 -12.00 -1.74 14.68
N LEU A 321 -12.01 -2.92 14.06
CA LEU A 321 -11.98 -4.11 14.84
C LEU A 321 -10.68 -4.17 15.62
N ASP A 322 -10.78 -4.70 16.84
CA ASP A 322 -9.66 -4.94 17.71
C ASP A 322 -9.11 -6.32 17.42
N LEU A 323 -8.01 -6.34 16.64
CA LEU A 323 -7.45 -7.57 16.12
C LEU A 323 -6.57 -8.27 17.15
N SER A 324 -6.54 -7.75 18.39
CA SER A 324 -5.93 -8.48 19.51
C SER A 324 -6.91 -9.49 20.12
N LYS A 325 -8.20 -9.36 19.83
CA LYS A 325 -9.21 -10.21 20.47
C LYS A 325 -9.42 -11.48 19.68
N ASP A 326 -9.41 -12.62 20.39
CA ASP A 326 -9.59 -13.89 19.73
C ASP A 326 -10.98 -13.95 19.09
N GLU A 327 -12.01 -13.40 19.75
CA GLU A 327 -13.37 -13.48 19.17
C GLU A 327 -13.40 -12.80 17.79
N VAL A 328 -12.65 -11.71 17.66
CA VAL A 328 -12.62 -10.98 16.41
C VAL A 328 -11.87 -11.80 15.35
N LEU A 329 -10.72 -12.34 15.72
CA LEU A 329 -9.95 -13.16 14.77
C LEU A 329 -10.77 -14.38 14.34
N ASN A 330 -11.55 -14.98 15.25
CA ASN A 330 -12.39 -16.12 14.91
C ASN A 330 -13.48 -15.72 13.91
N TRP A 331 -14.06 -14.53 14.09
CA TRP A 331 -15.07 -14.01 13.18
C TRP A 331 -14.47 -13.79 11.80
N LEU A 332 -13.29 -13.15 11.77
CA LEU A 332 -12.61 -12.91 10.46
C LEU A 332 -12.31 -14.23 9.78
N PHE A 333 -11.78 -15.18 10.55
CA PHE A 333 -11.44 -16.47 9.96
C PHE A 333 -12.69 -17.11 9.36
N ASP A 334 -13.78 -17.10 10.11
CA ASP A 334 -15.02 -17.72 9.65
CA ASP A 334 -15.04 -17.71 9.68
C ASP A 334 -15.56 -17.02 8.40
N LEU A 335 -15.53 -15.67 8.38
CA LEU A 335 -15.98 -14.92 7.21
C LEU A 335 -15.17 -15.34 5.97
N PHE A 336 -13.84 -15.25 6.04
CA PHE A 336 -13.03 -15.49 4.87
C PHE A 336 -13.00 -16.99 4.48
N SER A 337 -13.10 -17.90 5.44
CA SER A 337 -13.28 -19.33 5.17
CA SER A 337 -13.23 -19.32 5.08
C SER A 337 -14.59 -19.58 4.42
N SER A 338 -15.65 -18.89 4.85
CA SER A 338 -16.96 -18.99 4.20
CA SER A 338 -16.96 -19.01 4.19
C SER A 338 -16.87 -18.52 2.74
N LEU A 339 -16.21 -17.38 2.51
CA LEU A 339 -16.06 -16.88 1.16
C LEU A 339 -15.29 -17.89 0.29
N ARG A 340 -14.21 -18.46 0.82
CA ARG A 340 -13.42 -19.43 0.10
C ARG A 340 -14.30 -20.65 -0.27
N LYS A 341 -15.10 -21.10 0.68
CA LYS A 341 -15.98 -22.25 0.45
C LYS A 341 -16.97 -21.95 -0.68
N MET A 342 -17.39 -20.68 -0.78
CA MET A 342 -18.33 -20.28 -1.82
C MET A 342 -17.70 -20.28 -3.22
N GLY A 343 -16.38 -20.17 -3.29
CA GLY A 343 -15.60 -20.24 -4.51
C GLY A 343 -14.84 -18.95 -4.82
N TYR A 344 -14.91 -17.94 -3.94
CA TYR A 344 -14.06 -16.72 -4.17
C TYR A 344 -12.59 -17.11 -4.05
N ARG A 345 -11.77 -16.61 -4.99
CA ARG A 345 -10.34 -16.88 -4.98
C ARG A 345 -9.52 -15.62 -5.23
N TYR A 346 -10.21 -14.47 -5.18
CA TYR A 346 -9.58 -13.16 -5.37
C TYR A 346 -10.24 -12.18 -4.40
N PHE A 347 -9.44 -11.62 -3.47
CA PHE A 347 -9.98 -10.87 -2.37
C PHE A 347 -9.32 -9.48 -2.34
N LYS A 348 -10.11 -8.46 -2.62
CA LYS A 348 -9.66 -7.10 -2.48
C LYS A 348 -10.04 -6.68 -1.07
N ILE A 349 -9.04 -6.49 -0.19
CA ILE A 349 -9.30 -6.20 1.19
C ILE A 349 -8.82 -4.78 1.47
N ASP A 350 -9.77 -3.93 1.83
CA ASP A 350 -9.60 -2.49 1.72
C ASP A 350 -9.75 -1.81 3.06
N PHE A 351 -9.38 -0.53 3.07
CA PHE A 351 -9.35 0.30 4.27
C PHE A 351 -8.58 -0.37 5.40
N LEU A 352 -7.49 -1.09 5.08
CA LEU A 352 -6.83 -1.93 6.08
C LEU A 352 -6.13 -1.09 7.15
N PHE A 353 -5.88 0.21 6.88
CA PHE A 353 -5.28 1.11 7.87
C PHE A 353 -6.11 1.13 9.17
N ALA A 354 -7.42 0.89 9.07
CA ALA A 354 -8.28 0.91 10.24
C ALA A 354 -7.77 -0.05 11.32
N GLY A 355 -7.25 -1.21 10.89
CA GLY A 355 -6.85 -2.25 11.84
C GLY A 355 -5.57 -1.89 12.60
N ALA A 356 -4.89 -0.84 12.14
CA ALA A 356 -3.64 -0.36 12.75
C ALA A 356 -3.84 1.02 13.39
N VAL A 357 -5.07 1.45 13.67
CA VAL A 357 -5.24 2.76 14.28
CA VAL A 357 -5.24 2.75 14.27
C VAL A 357 -4.72 2.69 15.71
N PRO A 358 -4.05 3.75 16.18
CA PRO A 358 -3.65 3.80 17.59
C PRO A 358 -4.90 3.83 18.48
N GLY A 359 -4.85 3.14 19.61
CA GLY A 359 -5.93 3.18 20.57
C GLY A 359 -5.82 2.04 21.57
N GLU A 360 -6.87 1.85 22.35
CA GLU A 360 -6.91 0.85 23.38
C GLU A 360 -7.45 -0.46 22.80
N ARG A 361 -6.71 -1.54 23.03
CA ARG A 361 -7.06 -2.85 22.62
C ARG A 361 -7.07 -3.77 23.85
N LYS A 362 -7.69 -4.93 23.69
CA LYS A 362 -7.80 -5.93 24.74
C LYS A 362 -6.41 -6.32 25.25
N LYS A 363 -5.49 -6.65 24.34
CA LYS A 363 -4.12 -7.02 24.68
C LYS A 363 -3.22 -5.79 24.52
N ASN A 364 -2.21 -5.68 25.38
CA ASN A 364 -1.28 -4.54 25.35
C ASN A 364 -0.23 -4.83 24.27
N ILE A 365 -0.66 -4.73 23.00
CA ILE A 365 0.21 -5.02 21.85
C ILE A 365 0.15 -3.75 21.00
N THR A 366 1.10 -3.57 20.10
CA THR A 366 1.08 -2.37 19.28
C THR A 366 -0.03 -2.51 18.23
N PRO A 367 -0.43 -1.39 17.62
CA PRO A 367 -1.40 -1.46 16.54
C PRO A 367 -0.84 -2.23 15.33
N ILE A 368 0.48 -2.24 15.17
CA ILE A 368 1.11 -2.96 14.09
C ILE A 368 1.08 -4.47 14.35
N GLN A 369 1.35 -4.89 15.59
CA GLN A 369 1.20 -6.31 15.97
C GLN A 369 -0.26 -6.77 15.74
N ALA A 370 -1.22 -5.90 16.10
CA ALA A 370 -2.61 -6.24 15.93
C ALA A 370 -2.97 -6.42 14.45
N PHE A 371 -2.60 -5.41 13.64
CA PHE A 371 -2.78 -5.44 12.23
C PHE A 371 -2.28 -6.75 11.63
N ARG A 372 -1.03 -7.12 11.97
CA ARG A 372 -0.43 -8.32 11.39
C ARG A 372 -1.17 -9.60 11.82
N LYS A 373 -1.70 -9.64 13.04
CA LYS A 373 -2.52 -10.81 13.42
C LYS A 373 -3.77 -10.89 12.52
N GLY A 374 -4.40 -9.75 12.25
CA GLY A 374 -5.59 -9.72 11.41
C GLY A 374 -5.31 -10.21 10.00
N ILE A 375 -4.27 -9.66 9.35
CA ILE A 375 -4.05 -10.02 7.93
CA ILE A 375 -4.03 -10.00 7.96
C ILE A 375 -3.54 -11.45 7.85
N GLU A 376 -2.81 -11.95 8.87
CA GLU A 376 -2.35 -13.35 8.86
C GLU A 376 -3.56 -14.30 8.97
N THR A 377 -4.56 -13.89 9.74
CA THR A 377 -5.75 -14.70 9.90
C THR A 377 -6.46 -14.81 8.56
N ILE A 378 -6.61 -13.68 7.87
CA ILE A 378 -7.24 -13.66 6.57
C ILE A 378 -6.51 -14.62 5.61
N ARG A 379 -5.18 -14.55 5.57
CA ARG A 379 -4.37 -15.41 4.68
C ARG A 379 -4.64 -16.89 4.99
N LYS A 380 -4.72 -17.23 6.27
CA LYS A 380 -4.93 -18.63 6.65
C LYS A 380 -6.31 -19.08 6.16
N ALA A 381 -7.30 -18.19 6.29
CA ALA A 381 -8.66 -18.52 5.99
C ALA A 381 -8.84 -18.74 4.48
N VAL A 382 -8.23 -17.89 3.63
CA VAL A 382 -8.51 -17.99 2.19
C VAL A 382 -7.62 -19.06 1.54
N GLY A 383 -6.53 -19.43 2.20
CA GLY A 383 -5.62 -20.43 1.70
C GLY A 383 -4.57 -19.86 0.76
N GLU A 384 -3.66 -20.73 0.34
CA GLU A 384 -2.51 -20.34 -0.46
C GLU A 384 -2.87 -20.10 -1.92
N ASP A 385 -3.98 -20.66 -2.41
CA ASP A 385 -4.33 -20.54 -3.83
C ASP A 385 -5.34 -19.41 -4.06
N SER A 386 -5.61 -18.61 -3.01
CA SER A 386 -6.37 -17.36 -3.12
C SER A 386 -5.42 -16.18 -3.28
N PHE A 387 -5.79 -15.26 -4.16
CA PHE A 387 -5.04 -14.00 -4.36
C PHE A 387 -5.62 -12.93 -3.43
N ILE A 388 -4.74 -12.35 -2.62
CA ILE A 388 -5.09 -11.25 -1.75
C ILE A 388 -4.48 -9.96 -2.30
N LEU A 389 -5.38 -9.02 -2.61
CA LEU A 389 -5.04 -7.66 -3.02
C LEU A 389 -5.34 -6.71 -1.87
N GLY A 390 -4.29 -6.11 -1.28
CA GLY A 390 -4.46 -5.11 -0.25
C GLY A 390 -4.75 -3.75 -0.83
N CYS A 391 -5.49 -2.96 -0.05
CA CYS A 391 -5.90 -1.61 -0.47
CA CYS A 391 -5.68 -1.57 -0.44
C CYS A 391 -6.12 -0.74 0.77
N GLY A 392 -5.87 0.58 0.65
CA GLY A 392 -5.93 1.46 1.79
C GLY A 392 -5.10 0.95 2.96
N SER A 393 -3.93 0.38 2.65
CA SER A 393 -3.21 -0.50 3.58
C SER A 393 -1.85 0.09 3.97
N PRO A 394 -1.46 -0.03 5.25
CA PRO A 394 -0.05 0.10 5.63
C PRO A 394 0.76 -0.84 4.71
N LEU A 395 1.89 -0.35 4.20
CA LEU A 395 2.62 -1.10 3.19
C LEU A 395 3.54 -2.16 3.84
N LEU A 396 4.54 -1.73 4.60
CA LEU A 396 5.58 -2.67 5.08
CA LEU A 396 5.57 -2.67 5.08
C LEU A 396 4.97 -3.79 5.93
N PRO A 397 3.99 -3.54 6.83
CA PRO A 397 3.47 -4.63 7.66
C PRO A 397 2.79 -5.72 6.82
N ALA A 398 2.36 -5.40 5.59
CA ALA A 398 1.61 -6.35 4.75
C ALA A 398 2.51 -7.23 3.88
N VAL A 399 3.82 -6.95 3.84
CA VAL A 399 4.72 -7.73 3.00
C VAL A 399 4.80 -9.15 3.56
N GLY A 400 4.64 -10.14 2.70
CA GLY A 400 4.61 -11.54 3.10
C GLY A 400 3.22 -12.12 3.20
N CYS A 401 2.21 -11.25 3.27
CA CYS A 401 0.84 -11.72 3.45
CA CYS A 401 0.86 -11.68 3.44
C CYS A 401 0.05 -11.48 2.14
N VAL A 402 0.13 -10.28 1.58
CA VAL A 402 -0.65 -9.99 0.36
C VAL A 402 0.12 -10.44 -0.90
N ASP A 403 -0.64 -10.75 -1.95
CA ASP A 403 -0.09 -11.08 -3.26
C ASP A 403 0.08 -9.82 -4.12
N GLY A 404 -0.89 -8.91 -4.02
CA GLY A 404 -0.87 -7.64 -4.71
C GLY A 404 -1.25 -6.54 -3.75
N MET A 405 -0.82 -5.32 -4.08
CA MET A 405 -1.11 -4.17 -3.22
C MET A 405 -1.36 -2.93 -4.07
N ARG A 406 -2.47 -2.28 -3.85
CA ARG A 406 -2.70 -0.93 -4.36
C ARG A 406 -1.62 -0.01 -3.79
N ILE A 407 -0.93 0.70 -4.67
CA ILE A 407 0.19 1.53 -4.26
C ILE A 407 -0.06 3.00 -4.60
N GLY A 408 -1.29 3.37 -4.97
CA GLY A 408 -1.61 4.77 -5.17
C GLY A 408 -3.03 5.11 -4.77
N PRO A 409 -3.33 6.41 -4.73
CA PRO A 409 -4.70 6.87 -4.60
C PRO A 409 -5.52 6.34 -5.78
N ASP A 410 -6.84 6.43 -5.62
CA ASP A 410 -7.75 5.96 -6.64
C ASP A 410 -7.56 6.71 -7.95
N THR A 411 -7.64 5.95 -9.04
CA THR A 411 -7.79 6.53 -10.33
C THR A 411 -9.23 7.00 -10.48
N ALA A 412 -9.54 7.49 -11.69
CA ALA A 412 -10.85 8.10 -11.94
C ALA A 412 -11.07 8.21 -13.44
N PRO A 413 -12.34 8.28 -13.88
CA PRO A 413 -12.64 8.52 -15.30
C PRO A 413 -12.43 9.99 -15.70
N PHE A 414 -11.35 10.57 -15.21
CA PHE A 414 -10.91 11.88 -15.58
C PHE A 414 -9.46 12.04 -15.10
N TRP A 415 -8.78 13.00 -15.70
CA TRP A 415 -7.38 13.18 -15.46
C TRP A 415 -7.19 13.80 -14.08
N GLY A 416 -8.01 14.82 -13.80
CA GLY A 416 -8.03 15.45 -12.50
C GLY A 416 -7.30 16.77 -12.51
N GLU A 417 -7.59 17.58 -13.53
CA GLU A 417 -6.92 18.85 -13.73
C GLU A 417 -6.99 19.68 -12.45
N HIS A 418 -8.17 19.72 -11.80
CA HIS A 418 -8.38 20.61 -10.65
C HIS A 418 -8.23 19.85 -9.33
N ILE A 419 -7.68 18.64 -9.36
CA ILE A 419 -7.50 17.84 -8.18
C ILE A 419 -6.06 18.04 -7.68
N GLU A 420 -5.95 18.44 -6.42
CA GLU A 420 -4.69 18.59 -5.69
CA GLU A 420 -4.62 18.59 -5.84
C GLU A 420 -4.10 17.20 -5.44
N ASP A 421 -2.82 17.17 -5.13
CA ASP A 421 -2.14 15.94 -4.73
C ASP A 421 -2.40 15.65 -3.25
N ASN A 422 -3.64 15.26 -2.94
CA ASN A 422 -4.13 15.14 -1.56
C ASN A 422 -4.92 13.84 -1.35
N GLY A 423 -4.77 12.87 -2.26
CA GLY A 423 -5.38 11.54 -2.09
C GLY A 423 -6.78 11.43 -2.67
N ALA A 424 -7.34 12.53 -3.18
CA ALA A 424 -8.63 12.51 -3.91
C ALA A 424 -8.47 11.78 -5.24
N PRO A 425 -9.49 11.04 -5.71
CA PRO A 425 -9.36 10.32 -6.96
C PRO A 425 -9.00 11.24 -8.13
N ALA A 426 -8.10 10.74 -8.98
CA ALA A 426 -7.61 11.43 -10.16
C ALA A 426 -6.63 10.50 -10.87
N ALA A 427 -6.81 10.28 -12.17
CA ALA A 427 -5.89 9.42 -12.91
C ALA A 427 -4.45 9.95 -12.77
N ARG A 428 -4.27 11.28 -12.78
CA ARG A 428 -2.89 11.82 -12.82
C ARG A 428 -2.11 11.45 -11.56
N TRP A 429 -2.73 11.47 -10.37
CA TRP A 429 -2.02 11.19 -9.14
C TRP A 429 -1.91 9.69 -8.90
N ALA A 430 -2.91 8.92 -9.32
CA ALA A 430 -2.81 7.45 -9.27
C ALA A 430 -1.57 7.00 -10.04
N LEU A 431 -1.38 7.57 -11.22
CA LEU A 431 -0.27 7.12 -12.08
C LEU A 431 1.07 7.59 -11.51
N ARG A 432 1.12 8.79 -10.93
CA ARG A 432 2.34 9.29 -10.33
C ARG A 432 2.83 8.27 -9.29
N ASN A 433 1.95 7.78 -8.42
CA ASN A 433 2.37 6.82 -7.41
C ASN A 433 2.78 5.47 -8.00
N ALA A 434 2.17 5.03 -9.12
CA ALA A 434 2.61 3.76 -9.76
C ALA A 434 4.05 3.92 -10.20
N ILE A 435 4.42 5.14 -10.55
CA ILE A 435 5.79 5.42 -11.01
C ILE A 435 6.72 5.53 -9.80
N THR A 436 6.37 6.31 -8.79
CA THR A 436 7.32 6.56 -7.73
C THR A 436 7.45 5.40 -6.74
N ARG A 437 6.50 4.48 -6.71
CA ARG A 437 6.63 3.25 -5.91
C ARG A 437 6.93 2.02 -6.80
N TYR A 438 7.45 2.25 -8.02
CA TYR A 438 7.64 1.15 -8.98
C TYR A 438 8.51 0.04 -8.39
N PHE A 439 9.45 0.41 -7.55
CA PHE A 439 10.50 -0.48 -7.11
C PHE A 439 9.98 -1.55 -6.15
N MET A 440 8.75 -1.36 -5.63
CA MET A 440 8.16 -2.36 -4.75
C MET A 440 7.68 -3.55 -5.57
N HIS A 441 7.41 -3.34 -6.87
CA HIS A 441 6.84 -4.34 -7.73
C HIS A 441 7.80 -5.52 -7.92
N ASP A 442 7.26 -6.73 -7.79
CA ASP A 442 7.99 -7.99 -7.95
C ASP A 442 9.05 -8.14 -6.85
N ARG A 443 8.96 -7.36 -5.77
CA ARG A 443 9.86 -7.45 -4.64
C ARG A 443 9.06 -7.57 -3.34
N PHE A 444 8.13 -6.65 -3.12
CA PHE A 444 7.25 -6.71 -1.97
C PHE A 444 6.06 -7.62 -2.25
N TRP A 445 5.60 -7.66 -3.51
CA TRP A 445 4.29 -8.10 -3.99
C TRP A 445 4.19 -7.71 -5.47
N LEU A 446 3.04 -7.93 -6.10
CA LEU A 446 2.68 -7.32 -7.40
C LEU A 446 2.07 -5.95 -7.10
N ASN A 447 2.60 -4.89 -7.72
CA ASN A 447 1.99 -3.58 -7.60
C ASN A 447 0.69 -3.53 -8.37
N ASP A 448 -0.34 -2.93 -7.76
CA ASP A 448 -1.61 -2.67 -8.38
C ASP A 448 -1.68 -1.16 -8.59
N PRO A 449 -1.64 -0.69 -9.85
CA PRO A 449 -1.63 0.75 -10.16
C PRO A 449 -3.04 1.32 -10.30
N ASP A 450 -4.05 0.51 -9.93
CA ASP A 450 -5.47 0.78 -10.05
C ASP A 450 -5.89 0.56 -11.50
N CYS A 451 -7.21 0.56 -11.68
CA CYS A 451 -7.85 0.01 -12.83
C CYS A 451 -7.64 0.88 -14.07
N LEU A 452 -7.50 0.20 -15.21
CA LEU A 452 -7.61 0.84 -16.55
C LEU A 452 -9.08 1.15 -16.84
N ILE A 453 -9.33 2.39 -17.26
CA ILE A 453 -10.66 2.92 -17.64
C ILE A 453 -10.64 3.24 -19.13
N LEU A 454 -11.14 2.30 -19.96
CA LEU A 454 -10.87 2.30 -21.39
C LEU A 454 -12.15 2.55 -22.19
N ARG A 455 -13.25 2.88 -21.51
CA ARG A 455 -14.52 3.14 -22.20
C ARG A 455 -14.38 4.44 -22.99
N GLU A 456 -15.25 4.63 -24.00
CA GLU A 456 -15.20 5.86 -24.81
C GLU A 456 -16.51 6.65 -24.70
N GLU A 457 -17.37 6.27 -23.76
CA GLU A 457 -18.48 7.09 -23.32
C GLU A 457 -18.47 7.08 -21.79
N LYS A 458 -19.15 8.06 -21.18
CA LYS A 458 -19.29 8.17 -19.72
C LYS A 458 -17.89 8.33 -19.10
N THR A 459 -17.08 9.18 -19.74
CA THR A 459 -15.71 9.44 -19.29
C THR A 459 -15.25 10.76 -19.87
N ASP A 460 -14.36 11.45 -19.15
CA ASP A 460 -13.72 12.64 -19.69
C ASP A 460 -12.27 12.37 -20.08
N LEU A 461 -11.81 11.11 -19.97
CA LEU A 461 -10.44 10.78 -20.45
C LEU A 461 -10.39 10.82 -21.97
N THR A 462 -9.30 11.37 -22.52
CA THR A 462 -9.02 11.29 -23.97
C THR A 462 -8.37 9.95 -24.32
N GLN A 463 -8.33 9.65 -25.63
CA GLN A 463 -7.62 8.48 -26.13
C GLN A 463 -6.16 8.50 -25.67
N LYS A 464 -5.51 9.67 -25.80
CA LYS A 464 -4.11 9.80 -25.44
C LYS A 464 -3.90 9.56 -23.93
N GLU A 465 -4.82 10.04 -23.09
CA GLU A 465 -4.71 9.86 -21.63
C GLU A 465 -4.88 8.38 -21.26
N LYS A 466 -5.80 7.70 -21.95
CA LYS A 466 -6.05 6.28 -21.69
C LYS A 466 -4.83 5.46 -22.10
N GLU A 467 -4.20 5.83 -23.22
CA GLU A 467 -3.01 5.18 -23.69
C GLU A 467 -1.87 5.42 -22.70
N LEU A 468 -1.70 6.68 -22.27
CA LEU A 468 -0.59 7.03 -21.42
CA LEU A 468 -0.61 7.05 -21.40
C LEU A 468 -0.68 6.22 -20.11
N TYR A 469 -1.86 6.19 -19.51
CA TYR A 469 -2.04 5.43 -18.25
C TYR A 469 -1.74 3.96 -18.47
N SER A 470 -2.42 3.37 -19.46
CA SER A 470 -2.38 1.94 -19.70
C SER A 470 -0.97 1.48 -20.07
N TYR A 471 -0.33 2.14 -21.04
CA TYR A 471 0.99 1.69 -21.48
C TYR A 471 2.05 1.84 -20.38
N THR A 472 1.92 2.89 -19.54
CA THR A 472 2.80 3.06 -18.39
C THR A 472 2.67 1.86 -17.46
N CYS A 473 1.43 1.48 -17.13
CA CYS A 473 1.19 0.31 -16.26
C CYS A 473 1.76 -0.97 -16.87
N GLY A 474 1.63 -1.11 -18.20
CA GLY A 474 2.21 -2.27 -18.89
C GLY A 474 3.73 -2.30 -18.79
N VAL A 475 4.39 -1.18 -19.08
CA VAL A 475 5.83 -1.10 -19.01
C VAL A 475 6.31 -1.43 -17.58
N LEU A 476 5.54 -1.00 -16.58
CA LEU A 476 5.91 -1.24 -15.16
C LEU A 476 5.64 -2.68 -14.72
N ASP A 477 5.04 -3.49 -15.59
CA ASP A 477 4.74 -4.92 -15.33
C ASP A 477 3.69 -5.06 -14.23
N ASN A 478 2.90 -4.00 -14.01
CA ASN A 478 1.95 -3.99 -12.91
C ASN A 478 0.71 -4.85 -13.22
N MET A 479 -0.11 -5.07 -12.19
CA MET A 479 -1.41 -5.71 -12.38
C MET A 479 -2.28 -4.90 -13.34
N ILE A 480 -3.02 -5.61 -14.21
CA ILE A 480 -3.88 -4.98 -15.25
C ILE A 480 -5.31 -5.47 -15.05
N ILE A 481 -6.12 -4.59 -14.45
CA ILE A 481 -7.52 -4.81 -14.17
C ILE A 481 -8.28 -3.70 -14.88
N GLU A 482 -9.36 -4.03 -15.58
CA GLU A 482 -10.17 -3.03 -16.26
C GLU A 482 -11.45 -2.77 -15.45
N SER A 483 -11.91 -1.52 -15.42
CA SER A 483 -13.12 -1.17 -14.75
C SER A 483 -13.97 -0.25 -15.63
N ASP A 484 -14.96 -0.86 -16.31
CA ASP A 484 -15.78 -0.17 -17.30
C ASP A 484 -17.13 -0.89 -17.41
N ASP A 485 -18.15 -0.13 -17.81
CA ASP A 485 -19.32 -0.75 -18.49
C ASP A 485 -18.80 -1.25 -19.84
N LEU A 486 -18.71 -2.56 -20.01
CA LEU A 486 -18.01 -3.14 -21.13
C LEU A 486 -18.77 -2.88 -22.44
N SER A 487 -20.02 -2.42 -22.34
CA SER A 487 -20.77 -2.13 -23.55
C SER A 487 -20.28 -0.82 -24.17
N LEU A 488 -19.47 -0.05 -23.42
CA LEU A 488 -18.99 1.24 -23.87
C LEU A 488 -17.51 1.19 -24.24
N VAL A 489 -16.95 -0.02 -24.32
CA VAL A 489 -15.59 -0.23 -24.71
C VAL A 489 -15.61 -0.79 -26.12
N ARG A 490 -15.03 -0.02 -27.05
CA ARG A 490 -15.09 -0.35 -28.47
C ARG A 490 -13.66 -0.54 -28.96
N ASP A 491 -13.40 -0.25 -30.25
CA ASP A 491 -12.19 -0.73 -30.87
C ASP A 491 -10.93 -0.14 -30.19
N HIS A 492 -10.98 1.14 -29.82
CA HIS A 492 -9.78 1.80 -29.28
C HIS A 492 -9.42 1.17 -27.93
N GLY A 493 -10.45 0.93 -27.12
CA GLY A 493 -10.24 0.41 -25.75
C GLY A 493 -9.74 -1.02 -25.79
N LYS A 494 -10.24 -1.79 -26.77
CA LYS A 494 -9.86 -3.17 -26.89
C LYS A 494 -8.41 -3.25 -27.37
N LYS A 495 -8.02 -2.36 -28.29
CA LYS A 495 -6.67 -2.33 -28.81
C LYS A 495 -5.67 -1.88 -27.73
N VAL A 496 -6.07 -0.90 -26.91
CA VAL A 496 -5.18 -0.41 -25.84
C VAL A 496 -4.90 -1.52 -24.82
N LEU A 497 -5.94 -2.28 -24.44
CA LEU A 497 -5.76 -3.36 -23.48
C LEU A 497 -4.84 -4.42 -24.09
N LYS A 498 -5.07 -4.76 -25.36
CA LYS A 498 -4.27 -5.78 -26.02
C LYS A 498 -2.79 -5.36 -26.06
N GLU A 499 -2.54 -4.09 -26.42
CA GLU A 499 -1.18 -3.59 -26.53
C GLU A 499 -0.55 -3.46 -25.13
N THR A 500 -1.35 -3.12 -24.12
CA THR A 500 -0.85 -3.08 -22.74
C THR A 500 -0.31 -4.45 -22.32
N LEU A 501 -1.10 -5.51 -22.54
CA LEU A 501 -0.72 -6.84 -22.08
C LEU A 501 0.56 -7.31 -22.78
N GLU A 502 0.87 -6.76 -23.97
CA GLU A 502 2.10 -7.11 -24.71
C GLU A 502 3.34 -6.42 -24.09
N LEU A 503 3.13 -5.45 -23.19
CA LEU A 503 4.25 -4.73 -22.59
C LEU A 503 4.67 -5.35 -21.26
N LEU A 504 3.87 -6.29 -20.75
CA LEU A 504 4.11 -6.93 -19.44
C LEU A 504 5.32 -7.86 -19.53
N GLY A 505 5.83 -8.22 -18.35
CA GLY A 505 6.76 -9.32 -18.14
C GLY A 505 8.20 -8.90 -17.95
N GLY A 506 8.50 -7.59 -17.99
CA GLY A 506 9.84 -7.13 -17.85
C GLY A 506 10.24 -6.74 -16.44
N ARG A 507 11.47 -6.24 -16.34
CA ARG A 507 12.05 -5.63 -15.14
C ARG A 507 12.14 -4.12 -15.34
N PRO A 508 11.20 -3.33 -14.76
CA PRO A 508 11.19 -1.90 -15.01
C PRO A 508 12.17 -1.13 -14.12
N ARG A 509 12.56 0.07 -14.58
CA ARG A 509 13.27 1.01 -13.78
C ARG A 509 12.83 2.42 -14.19
N VAL A 510 12.45 3.23 -13.19
CA VAL A 510 12.25 4.64 -13.38
C VAL A 510 13.61 5.32 -13.22
N GLN A 511 14.15 5.78 -14.35
CA GLN A 511 15.55 6.20 -14.41
CA GLN A 511 15.54 6.23 -14.45
C GLN A 511 15.76 7.51 -13.65
N ASN A 512 14.73 8.38 -13.57
CA ASN A 512 14.85 9.70 -12.94
C ASN A 512 13.83 9.84 -11.79
N ILE A 513 14.03 9.01 -10.75
CA ILE A 513 13.05 8.85 -9.65
C ILE A 513 12.93 10.13 -8.83
N MET A 514 13.97 10.98 -8.81
CA MET A 514 13.91 12.23 -8.03
C MET A 514 13.34 13.40 -8.85
N SER A 515 12.73 13.11 -10.00
CA SER A 515 12.11 14.16 -10.87
C SER A 515 11.15 15.03 -10.05
N GLU A 516 11.14 16.33 -10.34
CA GLU A 516 10.19 17.25 -9.71
C GLU A 516 9.28 17.91 -10.74
N ASP A 517 9.33 17.46 -12.00
CA ASP A 517 8.52 18.10 -13.04
C ASP A 517 7.48 17.15 -13.67
N LEU A 518 7.23 16.01 -13.02
CA LEU A 518 6.21 15.03 -13.48
C LEU A 518 6.52 14.51 -14.88
N ARG A 519 7.80 14.53 -15.25
CA ARG A 519 8.27 13.84 -16.44
C ARG A 519 9.20 12.70 -16.00
N TYR A 520 8.90 11.49 -16.51
CA TYR A 520 9.58 10.31 -16.08
C TYR A 520 10.02 9.49 -17.29
N GLU A 521 11.23 8.95 -17.18
CA GLU A 521 11.84 8.05 -18.12
C GLU A 521 11.83 6.65 -17.50
N ILE A 522 11.13 5.73 -18.14
CA ILE A 522 10.88 4.39 -17.65
C ILE A 522 11.32 3.35 -18.69
N VAL A 523 12.24 2.49 -18.28
CA VAL A 523 12.67 1.41 -19.14
C VAL A 523 12.20 0.09 -18.55
N SER A 524 11.97 -0.89 -19.42
CA SER A 524 11.68 -2.23 -18.93
C SER A 524 12.38 -3.24 -19.85
N SER A 525 13.17 -4.09 -19.23
CA SER A 525 13.97 -5.09 -19.94
C SER A 525 13.21 -6.42 -19.94
N GLY A 526 13.20 -7.10 -21.10
CA GLY A 526 12.72 -8.46 -21.17
C GLY A 526 11.21 -8.59 -21.09
N THR A 527 10.47 -7.60 -21.61
CA THR A 527 9.04 -7.69 -21.73
C THR A 527 8.68 -8.64 -22.87
N LEU A 528 7.40 -8.91 -23.01
CA LEU A 528 6.88 -9.74 -24.10
C LEU A 528 7.11 -9.04 -25.44
N SER A 529 7.49 -7.74 -25.40
CA SER A 529 7.79 -6.98 -26.61
C SER A 529 9.27 -6.64 -26.69
N GLY A 530 10.08 -7.34 -25.87
CA GLY A 530 11.49 -7.06 -25.81
C GLY A 530 11.79 -5.92 -24.86
N ASN A 531 12.91 -5.24 -25.08
CA ASN A 531 13.30 -4.12 -24.25
C ASN A 531 12.51 -2.89 -24.70
N VAL A 532 11.84 -2.21 -23.75
CA VAL A 532 10.97 -1.08 -24.10
C VAL A 532 11.37 0.13 -23.24
N LYS A 533 10.93 1.30 -23.68
CA LYS A 533 11.10 2.50 -22.92
C LYS A 533 9.88 3.38 -23.16
N ILE A 534 9.36 4.03 -22.10
CA ILE A 534 8.32 5.00 -22.24
C ILE A 534 8.75 6.24 -21.47
N VAL A 535 8.67 7.39 -22.14
CA VAL A 535 8.88 8.64 -21.47
C VAL A 535 7.53 9.36 -21.40
N VAL A 536 7.14 9.74 -20.19
CA VAL A 536 5.81 10.26 -19.94
C VAL A 536 5.92 11.66 -19.34
N ASP A 537 4.94 12.50 -19.66
CA ASP A 537 4.82 13.82 -19.09
C ASP A 537 3.40 13.96 -18.53
N LEU A 538 3.28 13.90 -17.20
CA LEU A 538 1.95 13.86 -16.58
C LEU A 538 1.34 15.27 -16.53
N ASN A 539 2.09 16.33 -16.86
CA ASN A 539 1.46 17.65 -16.95
CA ASN A 539 1.54 17.70 -17.01
C ASN A 539 0.85 17.84 -18.35
N SER A 540 1.62 17.57 -19.42
CA SER A 540 1.14 17.72 -20.80
C SER A 540 0.26 16.53 -21.24
N ARG A 541 0.35 15.40 -20.52
CA ARG A 541 -0.41 14.18 -20.82
C ARG A 541 0.06 13.64 -22.18
N GLU A 542 1.39 13.55 -22.32
CA GLU A 542 2.03 13.03 -23.54
C GLU A 542 2.94 11.86 -23.16
N TYR A 543 3.13 10.93 -24.10
CA TYR A 543 4.12 9.88 -23.93
C TYR A 543 4.85 9.67 -25.26
N HIS A 544 6.02 9.05 -25.14
CA HIS A 544 6.84 8.55 -26.21
C HIS A 544 7.25 7.13 -25.86
N LEU A 545 6.78 6.17 -26.64
CA LEU A 545 7.01 4.74 -26.38
C LEU A 545 7.92 4.17 -27.47
N GLU A 546 8.95 3.45 -27.05
CA GLU A 546 9.86 2.72 -27.92
C GLU A 546 9.80 1.23 -27.60
N LYS A 547 9.67 0.40 -28.63
CA LYS A 547 9.74 -1.05 -28.46
C LYS A 547 10.80 -1.63 -29.41
N GLU A 548 11.57 -2.61 -28.91
CA GLU A 548 12.71 -3.20 -29.62
C GLU A 548 12.37 -4.66 -29.95
#